data_5N5M
#
_entry.id   5N5M
#
_cell.length_a   98.605
_cell.length_b   98.605
_cell.length_c   80.267
_cell.angle_alpha   90.00
_cell.angle_beta   90.00
_cell.angle_gamma   120.00
#
_symmetry.space_group_name_H-M   'P 65'
#
loop_
_entity.id
_entity.type
_entity.pdbx_description
1 polymer 'Serine/threonine-protein kinase pim-1'
2 polymer Pimtide
3 non-polymer ~{N}-(isoquinolin-5-ylmethyl)-~{N}-methyl-2-[(3~{R})-pyrrolidin-3-yl]benzamide
4 water water
#
loop_
_entity_poly.entity_id
_entity_poly.type
_entity_poly.pdbx_seq_one_letter_code
_entity_poly.pdbx_strand_id
1 'polypeptide(L)'
;MLLSKINSLAHLRAAPCNDLHATKLAPGKEKEPLESQYQVGPLLGSGGFGSVYSGIRVSDNLPVAIKHVEKDRISDWGEL
PNGTRVPMEVVLLKKVSSGFSGVIRLLDWFERPDSFVLILERPEPVQDLFDFITERGALQEELARSFFWQVLEAVRHCHN
CGVLHRDIKDENILIDLNRGELKLIDFGSGALLKDTVYTDFDGTRVYSPPEWIRYHRYHGRSAAVWSLGILLYDMVCGDI
PFEHDEEIIGGQVFFRQRVS(SEP)ECQHLIRWCLALRPSDRPTFEEIQNHPWMQDVLLPQETAEIHLHSLSPGPSK
;
A
2 'polypeptide(L)' ARKRRRHPSGPPTA B
#
# COMPACT_ATOMS: atom_id res chain seq x y z
N PRO A 33 -3.25 18.19 -24.53
CA PRO A 33 -2.35 19.00 -23.71
C PRO A 33 -2.65 18.89 -22.21
N LEU A 34 -1.64 18.55 -21.40
CA LEU A 34 -1.82 18.45 -19.96
C LEU A 34 -2.06 19.81 -19.33
N GLU A 35 -1.42 20.86 -19.87
CA GLU A 35 -1.50 22.17 -19.24
C GLU A 35 -2.91 22.75 -19.30
N SER A 36 -3.70 22.36 -20.30
CA SER A 36 -5.04 22.92 -20.49
C SER A 36 -6.14 22.12 -19.81
N GLN A 37 -5.89 20.87 -19.46
CA GLN A 37 -6.91 20.03 -18.86
C GLN A 37 -6.91 20.06 -17.33
N TYR A 38 -5.81 20.44 -16.71
CA TYR A 38 -5.68 20.36 -15.26
C TYR A 38 -5.08 21.65 -14.71
N GLN A 39 -5.71 22.19 -13.69
CA GLN A 39 -5.18 23.32 -12.94
C GLN A 39 -4.30 22.78 -11.82
N VAL A 40 -3.03 23.20 -11.79
CA VAL A 40 -2.01 22.59 -10.93
C VAL A 40 -1.89 23.39 -9.65
N GLY A 41 -1.90 22.69 -8.51
CA GLY A 41 -1.75 23.31 -7.22
C GLY A 41 -0.44 22.95 -6.55
N PRO A 42 -0.42 23.00 -5.22
CA PRO A 42 0.85 22.82 -4.50
C PRO A 42 1.40 21.40 -4.58
N LEU A 43 2.73 21.32 -4.49
CA LEU A 43 3.40 20.04 -4.33
C LEU A 43 2.89 19.34 -3.07
N LEU A 44 2.43 18.09 -3.23
CA LEU A 44 1.99 17.30 -2.10
C LEU A 44 3.12 16.49 -1.49
N GLY A 45 4.11 16.11 -2.29
CA GLY A 45 5.24 15.34 -1.79
C GLY A 45 6.14 14.92 -2.94
N SER A 46 7.36 14.49 -2.61
CA SER A 46 8.29 14.02 -3.62
C SER A 46 9.25 13.04 -2.98
N GLY A 47 9.73 12.10 -3.79
CA GLY A 47 10.71 11.13 -3.34
C GLY A 47 11.01 10.13 -4.42
N GLY A 48 11.34 8.90 -4.01
CA GLY A 48 11.64 7.86 -4.98
C GLY A 48 10.49 7.58 -5.92
N PHE A 49 9.26 7.97 -5.54
CA PHE A 49 8.09 7.83 -6.40
C PHE A 49 7.96 8.93 -7.44
N GLY A 50 8.75 10.01 -7.35
CA GLY A 50 8.61 11.17 -8.22
C GLY A 50 8.13 12.41 -7.48
N SER A 51 7.48 13.33 -8.18
CA SER A 51 6.90 14.52 -7.56
C SER A 51 5.40 14.54 -7.82
N VAL A 52 4.62 14.73 -6.77
CA VAL A 52 3.17 14.62 -6.80
C VAL A 52 2.57 15.96 -6.44
N TYR A 53 1.74 16.51 -7.33
CA TYR A 53 1.08 17.79 -7.12
C TYR A 53 -0.42 17.60 -6.91
N SER A 54 -0.98 18.42 -6.03
CA SER A 54 -2.42 18.57 -5.99
C SER A 54 -2.89 19.21 -7.29
N GLY A 55 -4.10 18.86 -7.71
CA GLY A 55 -4.59 19.36 -8.97
C GLY A 55 -6.09 19.28 -9.04
N ILE A 56 -6.64 19.89 -10.08
CA ILE A 56 -8.08 19.94 -10.29
C ILE A 56 -8.34 19.82 -11.78
N ARG A 57 -9.19 18.86 -12.16
CA ARG A 57 -9.57 18.72 -13.56
C ARG A 57 -10.50 19.86 -13.93
N VAL A 58 -10.10 20.67 -14.91
CA VAL A 58 -10.88 21.85 -15.27
C VAL A 58 -12.27 21.45 -15.79
N SER A 59 -12.40 20.23 -16.32
CA SER A 59 -13.66 19.83 -16.95
C SER A 59 -14.81 19.80 -15.94
N ASP A 60 -14.56 19.26 -14.73
CA ASP A 60 -15.64 19.08 -13.76
C ASP A 60 -15.20 19.37 -12.33
N ASN A 61 -14.09 20.07 -12.13
CA ASN A 61 -13.53 20.35 -10.80
C ASN A 61 -13.25 19.08 -10.00
N LEU A 62 -13.03 17.96 -10.66
CA LEU A 62 -12.65 16.75 -9.93
C LEU A 62 -11.27 16.93 -9.32
N PRO A 63 -11.11 16.73 -8.01
CA PRO A 63 -9.76 16.73 -7.43
C PRO A 63 -8.92 15.59 -7.99
N VAL A 64 -7.69 15.92 -8.39
CA VAL A 64 -6.75 14.94 -8.90
C VAL A 64 -5.40 15.13 -8.22
N ALA A 65 -4.55 14.10 -8.36
CA ALA A 65 -3.15 14.18 -8.00
C ALA A 65 -2.35 14.00 -9.28
N ILE A 66 -1.34 14.84 -9.47
CA ILE A 66 -0.59 14.89 -10.72
C ILE A 66 0.84 14.48 -10.39
N LYS A 67 1.25 13.32 -10.90
CA LYS A 67 2.50 12.69 -10.52
C LYS A 67 3.46 12.68 -11.69
N HIS A 68 4.65 13.23 -11.47
CA HIS A 68 5.69 13.34 -12.50
C HIS A 68 6.82 12.39 -12.16
N VAL A 69 7.25 11.60 -13.16
CA VAL A 69 8.37 10.69 -13.02
C VAL A 69 9.33 10.91 -14.18
N GLU A 70 10.61 11.11 -13.88
CA GLU A 70 11.61 11.26 -14.93
C GLU A 70 11.88 9.92 -15.60
N LYS A 71 11.97 9.93 -16.92
CA LYS A 71 12.21 8.71 -17.66
C LYS A 71 13.52 8.05 -17.23
N ASP A 72 14.56 8.84 -17.01
CA ASP A 72 15.85 8.30 -16.61
C ASP A 72 15.76 7.57 -15.26
N ARG A 73 14.82 7.96 -14.41
CA ARG A 73 14.67 7.36 -13.10
C ARG A 73 13.75 6.15 -13.09
N ILE A 74 13.36 5.63 -14.26
CA ILE A 74 12.40 4.55 -14.35
C ILE A 74 13.15 3.25 -14.59
N SER A 75 12.99 2.28 -13.68
CA SER A 75 13.73 1.03 -13.72
C SER A 75 13.03 -0.04 -14.56
N ASP A 76 11.74 -0.26 -14.32
CA ASP A 76 10.99 -1.31 -15.00
C ASP A 76 10.05 -0.70 -16.03
N TRP A 77 10.07 -1.26 -17.23
CA TRP A 77 9.24 -0.81 -18.34
C TRP A 77 8.33 -1.94 -18.79
N GLY A 78 7.20 -1.56 -19.38
CA GLY A 78 6.25 -2.52 -19.89
C GLY A 78 5.57 -1.97 -21.13
N GLU A 79 4.66 -2.76 -21.68
CA GLU A 79 3.92 -2.38 -22.87
C GLU A 79 2.43 -2.51 -22.59
N LEU A 80 1.67 -1.52 -23.04
CA LEU A 80 0.22 -1.59 -22.95
C LEU A 80 -0.28 -2.63 -23.96
N PRO A 81 -1.59 -2.86 -24.04
CA PRO A 81 -2.08 -3.71 -25.13
C PRO A 81 -1.67 -3.18 -26.50
N ASN A 82 -1.77 -1.87 -26.71
CA ASN A 82 -1.37 -1.24 -27.96
C ASN A 82 0.11 -1.39 -28.27
N GLY A 83 0.93 -1.80 -27.29
CA GLY A 83 2.35 -1.94 -27.51
C GLY A 83 3.17 -0.69 -27.30
N THR A 84 2.59 0.36 -26.74
CA THR A 84 3.36 1.55 -26.38
C THR A 84 4.22 1.25 -25.17
N ARG A 85 5.48 1.73 -25.20
CA ARG A 85 6.41 1.53 -24.08
C ARG A 85 6.05 2.52 -22.98
N VAL A 86 5.60 2.00 -21.84
CA VAL A 86 5.23 2.86 -20.70
C VAL A 86 5.94 2.31 -19.46
N PRO A 87 6.06 3.14 -18.41
CA PRO A 87 6.52 2.60 -17.13
C PRO A 87 5.62 1.46 -16.68
N MET A 88 6.22 0.45 -16.05
CA MET A 88 5.47 -0.65 -15.48
C MET A 88 4.32 -0.15 -14.60
N GLU A 89 4.56 0.96 -13.88
CA GLU A 89 3.53 1.49 -12.98
C GLU A 89 2.26 1.82 -13.75
N VAL A 90 2.39 2.39 -14.94
CA VAL A 90 1.22 2.68 -15.76
C VAL A 90 0.52 1.39 -16.13
N VAL A 91 1.29 0.35 -16.53
CA VAL A 91 0.71 -0.95 -16.85
C VAL A 91 -0.06 -1.48 -15.65
N LEU A 92 0.55 -1.43 -14.46
CA LEU A 92 -0.11 -2.01 -13.29
C LEU A 92 -1.34 -1.21 -12.90
N LEU A 93 -1.27 0.13 -12.95
CA LEU A 93 -2.44 0.93 -12.58
C LEU A 93 -3.61 0.67 -13.52
N LYS A 94 -3.35 0.49 -14.83
CA LYS A 94 -4.44 0.22 -15.76
C LYS A 94 -5.11 -1.11 -15.43
N LYS A 95 -4.32 -2.12 -15.06
CA LYS A 95 -4.88 -3.43 -14.75
C LYS A 95 -5.81 -3.39 -13.54
N VAL A 96 -5.52 -2.52 -12.56
CA VAL A 96 -6.35 -2.49 -11.35
C VAL A 96 -7.37 -1.37 -11.34
N SER A 97 -7.31 -0.43 -12.28
CA SER A 97 -8.11 0.78 -12.20
C SER A 97 -9.49 0.62 -12.83
N SER A 98 -9.90 -0.61 -13.13
CA SER A 98 -11.21 -0.85 -13.74
C SER A 98 -12.24 -0.98 -12.63
N GLY A 99 -13.28 -0.16 -12.69
CA GLY A 99 -14.28 -0.14 -11.66
C GLY A 99 -13.81 0.58 -10.40
N PHE A 100 -14.59 0.38 -9.34
CA PHE A 100 -14.31 0.98 -8.04
C PHE A 100 -13.57 -0.02 -7.14
N SER A 101 -12.70 0.49 -6.28
CA SER A 101 -12.04 -0.37 -5.31
C SER A 101 -11.29 0.52 -4.32
N GLY A 102 -10.60 -0.15 -3.39
CA GLY A 102 -9.73 0.51 -2.44
C GLY A 102 -8.35 0.72 -3.03
N VAL A 103 -8.28 0.91 -4.34
CA VAL A 103 -7.05 1.22 -5.05
C VAL A 103 -7.20 2.58 -5.71
N ILE A 104 -6.14 3.39 -5.65
CA ILE A 104 -6.08 4.66 -6.36
C ILE A 104 -6.31 4.42 -7.85
N ARG A 105 -7.16 5.24 -8.46
CA ARG A 105 -7.50 5.05 -9.87
C ARG A 105 -6.66 5.98 -10.74
N LEU A 106 -6.02 5.41 -11.75
CA LEU A 106 -5.38 6.19 -12.79
C LEU A 106 -6.45 6.72 -13.75
N LEU A 107 -6.57 8.04 -13.85
CA LEU A 107 -7.58 8.62 -14.73
C LEU A 107 -7.04 8.88 -16.13
N ASP A 108 -5.75 9.09 -16.26
CA ASP A 108 -5.13 9.49 -17.51
C ASP A 108 -3.63 9.51 -17.27
N TRP A 109 -2.89 9.59 -18.36
CA TRP A 109 -1.44 9.74 -18.30
C TRP A 109 -0.99 10.38 -19.60
N PHE A 110 0.20 10.97 -19.56
CA PHE A 110 0.80 11.68 -20.68
C PHE A 110 2.27 11.32 -20.72
N GLU A 111 2.84 11.34 -21.92
CA GLU A 111 4.27 11.21 -22.09
C GLU A 111 4.82 12.57 -22.54
N ARG A 112 5.88 13.00 -21.87
CA ARG A 112 6.63 14.20 -22.19
C ARG A 112 8.03 13.79 -22.65
N PRO A 113 8.82 14.74 -23.18
CA PRO A 113 10.17 14.37 -23.63
C PRO A 113 10.98 13.57 -22.62
N ASP A 114 11.08 14.05 -21.38
CA ASP A 114 11.93 13.41 -20.39
C ASP A 114 11.15 12.78 -19.24
N SER A 115 9.83 12.70 -19.32
CA SER A 115 9.07 12.23 -18.17
C SER A 115 7.73 11.68 -18.61
N PHE A 116 7.10 10.94 -17.71
CA PHE A 116 5.69 10.60 -17.76
C PHE A 116 4.95 11.34 -16.66
N VAL A 117 3.71 11.73 -16.96
CA VAL A 117 2.83 12.40 -16.02
C VAL A 117 1.60 11.51 -15.84
N LEU A 118 1.28 11.22 -14.58
CA LEU A 118 0.15 10.37 -14.24
C LEU A 118 -0.91 11.20 -13.54
N ILE A 119 -2.16 11.04 -13.97
CA ILE A 119 -3.30 11.74 -13.36
C ILE A 119 -4.03 10.72 -12.50
N LEU A 120 -4.05 10.95 -11.19
CA LEU A 120 -4.61 10.01 -10.23
C LEU A 120 -5.79 10.66 -9.52
N GLU A 121 -6.71 9.81 -9.08
CA GLU A 121 -7.75 10.25 -8.15
C GLU A 121 -7.12 10.93 -6.93
N ARG A 122 -7.84 11.88 -6.36
CA ARG A 122 -7.43 12.47 -5.08
C ARG A 122 -8.62 12.55 -4.14
N PRO A 123 -8.69 11.68 -3.14
CA PRO A 123 -9.69 11.84 -2.10
C PRO A 123 -9.50 13.15 -1.35
N GLU A 124 -10.60 13.76 -0.95
CA GLU A 124 -10.55 14.99 -0.18
C GLU A 124 -11.78 15.05 0.75
N PRO A 125 -11.55 15.19 2.07
CA PRO A 125 -10.26 15.32 2.77
C PRO A 125 -9.55 13.97 2.96
N VAL A 126 -8.22 14.02 3.06
CA VAL A 126 -7.39 12.81 3.05
C VAL A 126 -6.25 12.98 4.05
N GLN A 127 -5.85 11.87 4.64
CA GLN A 127 -4.59 11.76 5.38
C GLN A 127 -4.04 10.37 5.15
N ASP A 128 -2.72 10.26 4.97
CA ASP A 128 -2.13 8.94 4.79
C ASP A 128 -2.07 8.22 6.13
N LEU A 129 -2.05 6.89 6.05
CA LEU A 129 -2.15 6.09 7.27
C LEU A 129 -0.91 6.24 8.15
N PHE A 130 0.26 6.54 7.57
CA PHE A 130 1.44 6.81 8.40
C PHE A 130 1.22 8.03 9.29
N ASP A 131 0.79 9.16 8.71
CA ASP A 131 0.55 10.37 9.51
C ASP A 131 -0.57 10.13 10.51
N PHE A 132 -1.61 9.40 10.09
CA PHE A 132 -2.72 9.08 10.98
C PHE A 132 -2.24 8.35 12.22
N ILE A 133 -1.36 7.35 12.05
CA ILE A 133 -0.90 6.57 13.21
C ILE A 133 0.08 7.39 14.07
N THR A 134 0.91 8.23 13.45
CA THR A 134 1.77 9.12 14.23
C THR A 134 0.94 10.00 15.15
N GLU A 135 -0.14 10.58 14.63
CA GLU A 135 -0.93 11.54 15.40
C GLU A 135 -1.81 10.86 16.44
N ARG A 136 -2.39 9.71 16.10
CA ARG A 136 -3.31 9.07 17.03
C ARG A 136 -2.64 8.06 17.95
N GLY A 137 -1.44 7.59 17.61
CA GLY A 137 -0.86 6.48 18.35
C GLY A 137 -1.47 5.17 17.90
N ALA A 138 -1.26 4.14 18.73
CA ALA A 138 -1.83 2.81 18.48
C ALA A 138 -3.34 2.89 18.30
N LEU A 139 -3.84 2.24 17.26
CA LEU A 139 -5.27 2.29 16.96
C LEU A 139 -6.03 1.29 17.83
N GLN A 140 -7.23 1.69 18.25
CA GLN A 140 -8.17 0.73 18.82
C GLN A 140 -8.39 -0.43 17.85
N GLU A 141 -8.59 -1.62 18.41
CA GLU A 141 -8.65 -2.83 17.57
C GLU A 141 -9.84 -2.81 16.62
N GLU A 142 -10.96 -2.24 17.05
CA GLU A 142 -12.10 -2.06 16.16
C GLU A 142 -11.70 -1.27 14.92
N LEU A 143 -10.91 -0.22 15.11
CA LEU A 143 -10.51 0.62 13.98
C LEU A 143 -9.45 -0.07 13.14
N ALA A 144 -8.51 -0.76 13.79
CA ALA A 144 -7.51 -1.49 13.02
C ALA A 144 -8.15 -2.64 12.23
N ARG A 145 -9.18 -3.27 12.80
CA ARG A 145 -9.87 -4.35 12.08
C ARG A 145 -10.50 -3.83 10.80
N SER A 146 -11.20 -2.69 10.89
CA SER A 146 -11.85 -2.12 9.71
C SER A 146 -10.83 -1.73 8.65
N PHE A 147 -9.76 -1.04 9.07
CA PHE A 147 -8.69 -0.67 8.15
C PHE A 147 -8.00 -1.89 7.54
N PHE A 148 -7.65 -2.86 8.38
CA PHE A 148 -6.93 -4.02 7.88
C PHE A 148 -7.81 -4.83 6.91
N TRP A 149 -9.10 -4.95 7.23
CA TRP A 149 -10.04 -5.60 6.32
C TRP A 149 -10.05 -4.92 4.96
N GLN A 150 -10.15 -3.59 4.94
CA GLN A 150 -10.19 -2.87 3.67
C GLN A 150 -8.87 -3.02 2.91
N VAL A 151 -7.74 -3.06 3.63
CA VAL A 151 -6.47 -3.30 2.94
C VAL A 151 -6.45 -4.70 2.35
N LEU A 152 -6.98 -5.69 3.10
CA LEU A 152 -7.07 -7.04 2.56
C LEU A 152 -7.88 -7.08 1.27
N GLU A 153 -9.05 -6.42 1.26
CA GLU A 153 -9.89 -6.44 0.06
C GLU A 153 -9.19 -5.75 -1.10
N ALA A 154 -8.46 -4.66 -0.82
CA ALA A 154 -7.71 -3.95 -1.86
C ALA A 154 -6.61 -4.83 -2.44
N VAL A 155 -5.90 -5.57 -1.60
CA VAL A 155 -4.81 -6.40 -2.08
C VAL A 155 -5.35 -7.61 -2.83
N ARG A 156 -6.44 -8.22 -2.34
CA ARG A 156 -7.10 -9.26 -3.12
C ARG A 156 -7.47 -8.76 -4.50
N HIS A 157 -7.97 -7.52 -4.59
CA HIS A 157 -8.34 -6.96 -5.89
C HIS A 157 -7.13 -6.83 -6.80
N CYS A 158 -6.00 -6.36 -6.27
CA CYS A 158 -4.78 -6.30 -7.09
C CYS A 158 -4.42 -7.68 -7.62
N HIS A 159 -4.41 -8.68 -6.73
CA HIS A 159 -4.01 -10.02 -7.12
C HIS A 159 -4.99 -10.62 -8.13
N ASN A 160 -6.30 -10.36 -7.98
CA ASN A 160 -7.27 -10.80 -8.98
C ASN A 160 -7.01 -10.15 -10.34
N CYS A 161 -6.45 -8.95 -10.36
CA CYS A 161 -6.14 -8.26 -11.61
C CYS A 161 -4.76 -8.62 -12.14
N GLY A 162 -4.05 -9.56 -11.53
CA GLY A 162 -2.72 -9.92 -12.01
C GLY A 162 -1.60 -9.03 -11.52
N VAL A 163 -1.81 -8.26 -10.46
CA VAL A 163 -0.86 -7.24 -10.03
C VAL A 163 -0.41 -7.53 -8.60
N LEU A 164 0.91 -7.52 -8.39
CA LEU A 164 1.52 -7.62 -7.07
C LEU A 164 2.09 -6.24 -6.70
N HIS A 165 1.68 -5.71 -5.55
CA HIS A 165 2.04 -4.33 -5.20
C HIS A 165 3.51 -4.20 -4.78
N ARG A 166 3.97 -5.09 -3.90
CA ARG A 166 5.34 -5.19 -3.38
C ARG A 166 5.76 -4.02 -2.49
N ASP A 167 4.88 -3.11 -2.14
CA ASP A 167 5.28 -2.06 -1.21
C ASP A 167 4.10 -1.68 -0.31
N ILE A 168 3.42 -2.69 0.23
CA ILE A 168 2.33 -2.46 1.16
C ILE A 168 2.92 -1.91 2.45
N LYS A 169 2.46 -0.72 2.86
CA LYS A 169 2.89 -0.10 4.12
C LYS A 169 1.94 1.05 4.41
N ASP A 170 1.98 1.56 5.66
CA ASP A 170 1.04 2.63 6.01
C ASP A 170 1.27 3.87 5.18
N GLU A 171 2.52 4.13 4.78
CA GLU A 171 2.80 5.30 3.95
C GLU A 171 2.07 5.22 2.62
N ASN A 172 1.76 4.02 2.13
CA ASN A 172 1.14 3.86 0.82
C ASN A 172 -0.35 3.58 0.92
N ILE A 173 -0.98 4.08 1.98
CA ILE A 173 -2.41 3.91 2.20
C ILE A 173 -2.99 5.27 2.53
N LEU A 174 -3.99 5.70 1.75
CA LEU A 174 -4.69 6.95 2.01
C LEU A 174 -6.02 6.65 2.69
N ILE A 175 -6.41 7.52 3.62
CA ILE A 175 -7.69 7.44 4.29
C ILE A 175 -8.57 8.56 3.76
N ASP A 176 -9.69 8.20 3.14
CA ASP A 176 -10.74 9.16 2.87
C ASP A 176 -11.47 9.38 4.19
N LEU A 177 -11.23 10.53 4.82
CA LEU A 177 -11.69 10.77 6.17
C LEU A 177 -13.20 10.90 6.26
N ASN A 178 -13.86 11.36 5.19
CA ASN A 178 -15.32 11.49 5.23
C ASN A 178 -16.00 10.17 4.95
N ARG A 179 -15.53 9.42 3.94
CA ARG A 179 -16.17 8.15 3.60
C ARG A 179 -15.66 6.96 4.42
N GLY A 180 -14.56 7.10 5.14
CA GLY A 180 -14.01 5.97 5.88
C GLY A 180 -13.43 4.87 5.00
N GLU A 181 -12.98 5.21 3.80
CA GLU A 181 -12.45 4.24 2.86
C GLU A 181 -10.94 4.40 2.73
N LEU A 182 -10.24 3.26 2.68
CA LEU A 182 -8.80 3.24 2.46
C LEU A 182 -8.49 3.03 0.98
N LYS A 183 -7.45 3.71 0.50
CA LYS A 183 -7.02 3.63 -0.89
C LYS A 183 -5.53 3.32 -0.93
N LEU A 184 -5.18 2.23 -1.60
CA LEU A 184 -3.80 1.83 -1.81
C LEU A 184 -3.17 2.67 -2.92
N ILE A 185 -1.95 3.17 -2.70
CA ILE A 185 -1.27 4.00 -3.68
C ILE A 185 0.12 3.45 -3.95
N ASP A 186 0.77 4.06 -4.93
CA ASP A 186 2.17 3.87 -5.30
C ASP A 186 2.50 2.44 -5.73
N PHE A 187 2.21 2.12 -6.99
CA PHE A 187 2.56 0.85 -7.61
C PHE A 187 3.94 0.89 -8.32
N GLY A 188 4.77 1.90 -8.03
CA GLY A 188 6.05 2.03 -8.70
C GLY A 188 7.08 0.96 -8.36
N SER A 189 6.82 0.11 -7.37
CA SER A 189 7.70 -1.03 -7.09
C SER A 189 7.05 -2.36 -7.40
N GLY A 190 5.84 -2.34 -7.98
CA GLY A 190 5.09 -3.55 -8.17
C GLY A 190 5.58 -4.37 -9.35
N ALA A 191 4.88 -5.47 -9.60
CA ALA A 191 5.16 -6.36 -10.72
C ALA A 191 3.88 -7.07 -11.12
N LEU A 192 3.90 -7.67 -12.30
CA LEU A 192 2.89 -8.65 -12.63
C LEU A 192 2.97 -9.81 -11.64
N LEU A 193 1.81 -10.26 -11.16
CA LEU A 193 1.79 -11.41 -10.27
C LEU A 193 2.18 -12.68 -11.03
N LYS A 194 2.98 -13.53 -10.38
CA LYS A 194 3.37 -14.81 -10.96
C LYS A 194 3.55 -15.82 -9.84
N ASP A 195 3.63 -17.09 -10.21
CA ASP A 195 3.76 -18.16 -9.23
C ASP A 195 5.20 -18.62 -9.05
N THR A 196 6.11 -18.12 -9.86
CA THR A 196 7.53 -18.43 -9.74
C THR A 196 8.21 -17.40 -8.84
N VAL A 197 9.49 -17.64 -8.56
CA VAL A 197 10.19 -16.86 -7.54
C VAL A 197 10.57 -15.50 -8.10
N TYR A 198 10.49 -14.48 -7.25
CA TYR A 198 11.06 -13.17 -7.53
C TYR A 198 12.46 -13.11 -6.94
N THR A 199 13.41 -12.53 -7.69
CA THR A 199 14.77 -12.33 -7.21
C THR A 199 15.16 -10.86 -7.21
N ASP A 200 14.21 -9.98 -7.50
CA ASP A 200 14.40 -8.54 -7.46
C ASP A 200 13.39 -7.95 -6.49
N PHE A 201 13.75 -6.82 -5.89
CA PHE A 201 12.86 -6.13 -4.96
C PHE A 201 13.33 -4.70 -4.77
N ASP A 202 12.40 -3.75 -4.84
CA ASP A 202 12.69 -2.33 -4.62
C ASP A 202 11.64 -1.68 -3.72
N GLY A 203 10.90 -2.46 -2.93
CA GLY A 203 9.99 -1.90 -1.97
C GLY A 203 10.69 -1.49 -0.69
N THR A 204 9.95 -1.48 0.41
CA THR A 204 10.49 -1.01 1.69
C THR A 204 11.05 -2.18 2.48
N ARG A 205 12.34 -2.08 2.85
CA ARG A 205 13.05 -3.20 3.45
C ARG A 205 12.44 -3.63 4.77
N VAL A 206 12.01 -2.68 5.61
CA VAL A 206 11.50 -3.04 6.93
C VAL A 206 10.12 -3.70 6.86
N TYR A 207 9.51 -3.76 5.68
CA TYR A 207 8.30 -4.54 5.46
C TYR A 207 8.56 -5.78 4.61
N SER A 208 9.88 -6.04 4.19
CA SER A 208 10.20 -7.19 3.36
C SER A 208 10.43 -8.43 4.22
N PRO A 209 10.24 -9.62 3.67
CA PRO A 209 10.23 -10.82 4.49
C PRO A 209 11.63 -11.37 4.71
N PRO A 210 11.79 -12.24 5.71
CA PRO A 210 13.11 -12.78 5.99
C PRO A 210 13.72 -13.57 4.84
N GLU A 211 12.90 -14.23 4.02
CA GLU A 211 13.47 -14.97 2.90
C GLU A 211 14.10 -14.03 1.89
N TRP A 212 13.59 -12.80 1.78
CA TRP A 212 14.27 -11.80 0.95
C TRP A 212 15.57 -11.35 1.60
N ILE A 213 15.53 -11.10 2.92
CA ILE A 213 16.73 -10.64 3.63
C ILE A 213 17.85 -11.67 3.50
N ARG A 214 17.54 -12.94 3.73
CA ARG A 214 18.59 -13.96 3.78
C ARG A 214 18.98 -14.46 2.39
N TYR A 215 18.03 -14.61 1.46
CA TYR A 215 18.28 -15.31 0.21
C TYR A 215 18.01 -14.48 -1.04
N HIS A 216 17.49 -13.26 -0.92
CA HIS A 216 17.08 -12.48 -2.08
C HIS A 216 16.13 -13.27 -2.97
N ARG A 217 15.24 -14.02 -2.34
CA ARG A 217 14.17 -14.75 -3.03
C ARG A 217 12.90 -14.65 -2.21
N TYR A 218 11.77 -14.53 -2.89
CA TYR A 218 10.46 -14.59 -2.24
C TYR A 218 9.43 -14.95 -3.29
N HIS A 219 8.29 -15.43 -2.83
CA HIS A 219 7.12 -15.62 -3.66
C HIS A 219 6.11 -14.54 -3.31
N GLY A 220 5.25 -14.22 -4.29
CA GLY A 220 4.53 -12.95 -4.22
C GLY A 220 3.52 -12.89 -3.10
N ARG A 221 2.65 -13.90 -3.01
N ARG A 221 2.65 -13.89 -3.00
CA ARG A 221 1.56 -13.88 -2.05
CA ARG A 221 1.55 -13.83 -2.04
C ARG A 221 2.08 -13.96 -0.62
C ARG A 221 2.06 -13.99 -0.61
N SER A 222 3.01 -14.90 -0.38
CA SER A 222 3.50 -15.08 0.99
C SER A 222 4.32 -13.88 1.44
N ALA A 223 5.01 -13.20 0.51
CA ALA A 223 5.70 -11.97 0.88
C ALA A 223 4.72 -10.85 1.15
N ALA A 224 3.62 -10.79 0.39
CA ALA A 224 2.58 -9.79 0.68
C ALA A 224 2.00 -10.00 2.08
N VAL A 225 1.80 -11.26 2.47
CA VAL A 225 1.20 -11.55 3.76
C VAL A 225 2.13 -11.12 4.89
N TRP A 226 3.45 -11.34 4.73
CA TRP A 226 4.41 -10.83 5.70
C TRP A 226 4.27 -9.33 5.87
N SER A 227 4.22 -8.58 4.75
CA SER A 227 4.11 -7.13 4.85
C SER A 227 2.79 -6.73 5.50
N LEU A 228 1.75 -7.56 5.37
CA LEU A 228 0.48 -7.29 6.04
C LEU A 228 0.57 -7.52 7.55
N GLY A 229 1.31 -8.54 7.97
CA GLY A 229 1.58 -8.72 9.39
C GLY A 229 2.28 -7.51 9.99
N ILE A 230 3.28 -6.99 9.27
CA ILE A 230 4.00 -5.78 9.70
C ILE A 230 3.02 -4.63 9.84
N LEU A 231 2.16 -4.46 8.82
CA LEU A 231 1.18 -3.37 8.84
C LEU A 231 0.21 -3.49 10.00
N LEU A 232 -0.24 -4.71 10.30
CA LEU A 232 -1.22 -4.89 11.36
C LEU A 232 -0.59 -4.60 12.72
N TYR A 233 0.63 -5.09 12.95
CA TYR A 233 1.37 -4.73 14.17
C TYR A 233 1.49 -3.21 14.27
N ASP A 234 1.93 -2.57 13.19
CA ASP A 234 2.03 -1.12 13.11
C ASP A 234 0.75 -0.44 13.59
N MET A 235 -0.40 -0.92 13.11
CA MET A 235 -1.69 -0.33 13.47
C MET A 235 -1.99 -0.49 14.95
N VAL A 236 -1.85 -1.70 15.49
CA VAL A 236 -2.27 -1.91 16.88
C VAL A 236 -1.20 -1.54 17.90
N CYS A 237 0.05 -1.32 17.48
CA CYS A 237 1.11 -0.97 18.42
C CYS A 237 1.64 0.44 18.24
N GLY A 238 1.30 1.12 17.15
CA GLY A 238 1.74 2.48 16.92
C GLY A 238 3.00 2.63 16.11
N ASP A 239 3.70 1.53 15.83
CA ASP A 239 4.89 1.57 14.99
C ASP A 239 5.20 0.14 14.59
N ILE A 240 6.06 0.00 13.59
CA ILE A 240 6.38 -1.31 13.02
C ILE A 240 7.21 -2.10 14.04
N PRO A 241 7.26 -3.42 13.95
CA PRO A 241 7.99 -4.19 14.97
C PRO A 241 9.50 -4.23 14.77
N PHE A 242 9.97 -4.14 13.52
CA PHE A 242 11.35 -4.40 13.18
C PHE A 242 11.96 -3.19 12.47
N GLU A 243 13.19 -2.84 12.86
CA GLU A 243 13.97 -1.84 12.14
C GLU A 243 15.22 -2.41 11.46
N HIS A 244 15.72 -3.55 11.93
CA HIS A 244 17.01 -4.07 11.51
C HIS A 244 16.86 -5.48 10.95
N ASP A 245 17.76 -5.82 10.00
CA ASP A 245 17.72 -7.13 9.35
C ASP A 245 17.67 -8.27 10.36
N GLU A 246 18.43 -8.14 11.45
CA GLU A 246 18.50 -9.19 12.46
C GLU A 246 17.14 -9.41 13.12
N GLU A 247 16.42 -8.33 13.37
CA GLU A 247 15.06 -8.46 13.90
C GLU A 247 14.14 -9.14 12.89
N ILE A 248 14.24 -8.76 11.61
CA ILE A 248 13.36 -9.34 10.58
C ILE A 248 13.52 -10.85 10.53
N ILE A 249 14.76 -11.34 10.51
CA ILE A 249 14.98 -12.78 10.42
C ILE A 249 14.91 -13.49 11.76
N GLY A 250 14.92 -12.76 12.88
CA GLY A 250 14.97 -13.41 14.19
C GLY A 250 13.71 -14.18 14.58
N GLY A 251 12.56 -13.83 14.05
CA GLY A 251 11.36 -14.58 14.36
C GLY A 251 10.73 -14.31 15.71
N GLN A 252 11.02 -13.16 16.34
CA GLN A 252 10.50 -12.84 17.67
C GLN A 252 9.67 -11.57 17.59
N VAL A 253 8.41 -11.66 17.99
CA VAL A 253 7.51 -10.52 17.95
C VAL A 253 7.19 -10.14 19.40
N PHE A 254 7.77 -9.03 19.85
CA PHE A 254 7.46 -8.45 21.15
C PHE A 254 6.35 -7.42 20.97
N PHE A 255 5.32 -7.52 21.79
CA PHE A 255 4.21 -6.56 21.72
C PHE A 255 4.44 -5.44 22.74
N ARG A 256 4.61 -4.22 22.22
CA ARG A 256 4.91 -3.04 23.02
C ARG A 256 3.65 -2.35 23.52
N GLN A 257 2.49 -2.83 23.10
CA GLN A 257 1.23 -2.32 23.57
C GLN A 257 0.32 -3.48 23.91
N ARG A 258 -0.72 -3.17 24.68
N ARG A 258 -0.72 -3.17 24.68
CA ARG A 258 -1.79 -4.13 24.95
CA ARG A 258 -1.76 -4.14 24.95
C ARG A 258 -2.48 -4.50 23.64
C ARG A 258 -2.47 -4.50 23.63
N VAL A 259 -2.38 -5.76 23.25
CA VAL A 259 -3.03 -6.28 22.05
C VAL A 259 -3.71 -7.59 22.44
N SER A 260 -4.95 -7.78 22.00
CA SER A 260 -5.71 -8.98 22.35
C SER A 260 -4.97 -10.23 21.87
N GLU A 262 -6.20 -12.80 20.32
N GLU A 262 -6.19 -12.80 20.30
CA GLU A 262 -6.65 -13.13 18.97
CA GLU A 262 -6.56 -13.19 18.93
C GLU A 262 -5.85 -12.36 17.93
C GLU A 262 -5.81 -12.35 17.90
N CYS A 263 -5.68 -11.04 18.16
CA CYS A 263 -4.92 -10.20 17.23
C CYS A 263 -3.44 -10.56 17.22
N GLN A 264 -2.83 -10.77 18.40
CA GLN A 264 -1.46 -11.26 18.47
C GLN A 264 -1.29 -12.54 17.64
N HIS A 265 -2.23 -13.47 17.76
CA HIS A 265 -2.10 -14.72 17.05
C HIS A 265 -2.10 -14.49 15.54
N LEU A 266 -3.02 -13.65 15.04
CA LEU A 266 -3.04 -13.35 13.61
C LEU A 266 -1.73 -12.71 13.16
N ILE A 267 -1.21 -11.78 13.95
CA ILE A 267 0.03 -11.11 13.58
C ILE A 267 1.17 -12.12 13.51
N ARG A 268 1.28 -12.98 14.53
CA ARG A 268 2.38 -13.94 14.53
C ARG A 268 2.26 -14.94 13.39
N TRP A 269 1.03 -15.27 12.99
CA TRP A 269 0.83 -16.15 11.84
C TRP A 269 1.29 -15.48 10.55
N CYS A 270 0.87 -14.23 10.33
CA CYS A 270 1.32 -13.46 9.18
C CYS A 270 2.85 -13.33 9.14
N LEU A 271 3.50 -13.29 10.31
CA LEU A 271 4.95 -13.13 10.41
C LEU A 271 5.65 -14.46 10.67
N ALA A 272 5.06 -15.58 10.26
CA ALA A 272 5.81 -16.84 10.32
C ALA A 272 7.10 -16.72 9.52
N LEU A 273 8.22 -17.18 10.09
CA LEU A 273 9.50 -17.14 9.39
C LEU A 273 9.45 -17.95 8.09
N ARG A 274 8.81 -19.11 8.12
CA ARG A 274 8.75 -19.94 6.92
C ARG A 274 7.58 -19.48 6.07
N PRO A 275 7.81 -19.11 4.79
CA PRO A 275 6.70 -18.59 3.97
C PRO A 275 5.48 -19.50 3.92
N SER A 276 5.69 -20.82 3.86
CA SER A 276 4.58 -21.75 3.74
C SER A 276 3.78 -21.89 5.04
N ASP A 277 4.30 -21.40 6.17
CA ASP A 277 3.52 -21.37 7.40
C ASP A 277 2.61 -20.15 7.52
N ARG A 278 2.67 -19.18 6.57
CA ARG A 278 1.84 -17.98 6.65
C ARG A 278 0.44 -18.25 6.12
N PRO A 279 -0.56 -17.50 6.61
CA PRO A 279 -1.93 -17.71 6.15
C PRO A 279 -2.11 -17.24 4.71
N THR A 280 -3.06 -17.86 4.02
CA THR A 280 -3.59 -17.29 2.78
C THR A 280 -4.46 -16.07 3.10
N PHE A 281 -4.83 -15.31 2.05
CA PHE A 281 -5.77 -14.20 2.27
C PHE A 281 -7.09 -14.70 2.84
N GLU A 282 -7.53 -15.90 2.43
CA GLU A 282 -8.77 -16.45 2.95
C GLU A 282 -8.66 -16.76 4.44
N GLU A 283 -7.54 -17.35 4.86
CA GLU A 283 -7.35 -17.67 6.26
C GLU A 283 -7.27 -16.41 7.12
N ILE A 284 -6.66 -15.34 6.61
CA ILE A 284 -6.65 -14.07 7.34
C ILE A 284 -8.07 -13.57 7.54
N GLN A 285 -8.86 -13.53 6.48
CA GLN A 285 -10.19 -12.95 6.57
C GLN A 285 -11.18 -13.85 7.32
N ASN A 286 -10.92 -15.16 7.39
CA ASN A 286 -11.67 -16.05 8.26
C ASN A 286 -11.14 -16.10 9.69
N HIS A 287 -10.06 -15.38 10.00
CA HIS A 287 -9.51 -15.44 11.35
C HIS A 287 -10.52 -14.86 12.36
N PRO A 288 -10.66 -15.48 13.53
CA PRO A 288 -11.59 -14.95 14.54
C PRO A 288 -11.43 -13.47 14.84
N TRP A 289 -10.21 -12.92 14.80
CA TRP A 289 -10.05 -11.50 15.09
C TRP A 289 -10.67 -10.61 14.02
N MET A 290 -10.90 -11.14 12.82
CA MET A 290 -11.38 -10.35 11.70
C MET A 290 -12.90 -10.30 11.59
N GLN A 291 -13.61 -10.98 12.48
CA GLN A 291 -15.07 -11.05 12.29
C GLN A 291 -15.75 -9.76 12.79
N ASP A 292 -16.96 -9.54 12.26
CA ASP A 292 -17.82 -8.41 12.64
C ASP A 292 -17.17 -7.06 12.34
N VAL A 293 -16.59 -6.94 11.15
CA VAL A 293 -15.95 -5.67 10.78
C VAL A 293 -16.99 -4.56 10.64
N LEU A 294 -16.59 -3.35 10.98
CA LEU A 294 -17.41 -2.17 10.69
C LEU A 294 -17.48 -1.89 9.19
N LEU A 295 -18.62 -1.33 8.77
CA LEU A 295 -18.72 -0.76 7.43
C LEU A 295 -17.85 0.49 7.34
N PRO A 296 -17.43 0.87 6.12
CA PRO A 296 -16.63 2.11 5.99
C PRO A 296 -17.32 3.32 6.59
N GLN A 297 -18.62 3.52 6.30
CA GLN A 297 -19.32 4.68 6.81
C GLN A 297 -19.41 4.66 8.34
N GLU A 298 -19.67 3.48 8.93
CA GLU A 298 -19.62 3.35 10.38
C GLU A 298 -18.24 3.70 10.91
N THR A 299 -17.19 3.28 10.19
CA THR A 299 -15.83 3.58 10.61
C THR A 299 -15.61 5.08 10.68
N ALA A 300 -16.04 5.81 9.63
CA ALA A 300 -15.87 7.26 9.61
C ALA A 300 -16.64 7.94 10.73
N GLU A 301 -17.88 7.51 10.97
CA GLU A 301 -18.71 8.21 11.95
C GLU A 301 -18.21 7.97 13.37
N ILE A 302 -17.72 6.76 13.65
CA ILE A 302 -17.29 6.43 15.01
C ILE A 302 -15.88 6.92 15.29
N HIS A 303 -14.99 6.82 14.31
CA HIS A 303 -13.57 7.01 14.55
C HIS A 303 -12.95 8.18 13.81
N LEU A 304 -13.60 8.72 12.80
CA LEU A 304 -12.91 9.72 11.99
C LEU A 304 -13.56 11.10 12.04
N HIS A 305 -14.87 11.19 12.10
CA HIS A 305 -15.55 12.49 12.01
C HIS A 305 -15.33 13.32 13.28
N ARG B 2 10.19 6.95 21.62
CA ARG B 2 10.85 6.13 20.61
C ARG B 2 10.63 6.67 19.21
N LYS B 3 11.69 6.71 18.41
CA LYS B 3 11.67 7.41 17.13
C LYS B 3 10.88 6.60 16.10
N ARG B 4 9.71 7.11 15.71
CA ARG B 4 8.96 6.59 14.58
C ARG B 4 9.35 7.38 13.33
N ARG B 5 9.56 6.66 12.22
CA ARG B 5 10.02 7.33 11.00
C ARG B 5 9.48 6.62 9.77
N ARG B 6 9.43 7.37 8.68
CA ARG B 6 9.19 6.80 7.36
C ARG B 6 10.43 6.03 6.90
N HIS B 7 10.23 5.16 5.90
CA HIS B 7 11.32 4.37 5.31
C HIS B 7 11.16 4.42 3.80
N PRO B 8 12.00 5.20 3.11
CA PRO B 8 11.94 5.24 1.65
C PRO B 8 12.09 3.86 1.04
N SER B 9 11.35 3.65 -0.04
CA SER B 9 11.49 2.42 -0.81
C SER B 9 12.87 2.37 -1.47
N GLY B 10 13.31 1.17 -1.82
CA GLY B 10 14.59 0.99 -2.49
C GLY B 10 15.68 0.33 -1.66
#